data_7T8R
#
_entry.id   7T8R
#
_cell.length_a   98.546
_cell.length_b   79.980
_cell.length_c   51.876
_cell.angle_alpha   90.000
_cell.angle_beta   114.536
_cell.angle_gamma   90.000
#
_symmetry.space_group_name_H-M   'C 1 2 1'
#
loop_
_entity.id
_entity.type
_entity.pdbx_description
1 polymer '3C-like proteinase'
2 polymer 'Nonstructural protein 7/8'
3 non-polymer 1,2-ETHANEDIOL
4 non-polymer GLYCEROL
5 water water
#
loop_
_entity_poly.entity_id
_entity_poly.type
_entity_poly.pdbx_seq_one_letter_code
_entity_poly.pdbx_strand_id
1 'polypeptide(L)'
;SGFRKMAFPSGKVEGCMVQVTCGTTTLNGLWLDDVVYCPRHVICTSEDMLNPNYEDLLIRKSNHNFLVQAGNVQLRVIGH
SMQNCVLKLKVDTANPKTPKYKFVRIQPGQTFSVLACYNGSPSGVYQCAMRPNFTIKGSFLNGSAGSVGFNIDYDCVSFC
YMHHMELPTGVHAGTDLEGNFYGPFVDRQTAQAAGTDTTITVNVLAWLYAAVINGDRWFLNRFTTTLNDFNLVAMKYNYE
PLTQDHVDILGPLSAQTGIAVLDMCASLKELLQNGMNGRTILGSALLEDEFTPFDVVRQCSGVTFQ
;
A
2 'polypeptide(L)' NRATLQAI B
#
loop_
_chem_comp.id
_chem_comp.type
_chem_comp.name
_chem_comp.formula
EDO non-polymer 1,2-ETHANEDIOL 'C2 H6 O2'
GOL non-polymer GLYCEROL 'C3 H8 O3'
#
# COMPACT_ATOMS: atom_id res chain seq x y z
N SER A 1 -6.66 -25.34 -0.73
CA SER A 1 -5.94 -24.77 -1.81
C SER A 1 -6.72 -23.60 -2.41
N GLY A 2 -6.21 -23.06 -3.52
CA GLY A 2 -6.64 -21.81 -4.12
C GLY A 2 -5.74 -20.68 -3.67
N PHE A 3 -5.66 -19.64 -4.47
CA PHE A 3 -4.78 -18.51 -4.14
C PHE A 3 -5.48 -17.23 -4.52
N ARG A 4 -5.73 -16.36 -3.54
N ARG A 4 -5.77 -16.37 -3.54
CA ARG A 4 -6.48 -15.16 -3.83
CA ARG A 4 -6.55 -15.16 -3.81
C ARG A 4 -5.78 -13.94 -3.25
C ARG A 4 -5.83 -13.95 -3.23
N LYS A 5 -5.98 -12.81 -3.91
CA LYS A 5 -5.54 -11.56 -3.31
C LYS A 5 -6.36 -11.33 -2.05
N MET A 6 -5.70 -11.33 -0.91
CA MET A 6 -6.37 -11.39 0.38
C MET A 6 -5.93 -10.28 1.32
N ALA A 7 -6.90 -9.57 1.86
CA ALA A 7 -6.57 -8.48 2.78
C ALA A 7 -6.62 -9.02 4.21
N PHE A 8 -6.05 -8.24 5.13
CA PHE A 8 -6.21 -8.56 6.54
C PHE A 8 -7.63 -8.17 6.99
N PRO A 9 -8.19 -8.91 7.96
CA PRO A 9 -9.45 -8.53 8.56
C PRO A 9 -9.34 -7.10 9.10
N SER A 10 -10.35 -6.29 8.85
CA SER A 10 -10.22 -4.85 9.00
C SER A 10 -10.83 -4.32 10.28
N GLY A 11 -11.46 -5.19 11.08
CA GLY A 11 -12.22 -4.68 12.22
C GLY A 11 -11.42 -3.74 13.10
N LYS A 12 -10.17 -4.13 13.41
CA LYS A 12 -9.33 -3.32 14.32
C LYS A 12 -9.06 -1.94 13.78
N VAL A 13 -9.05 -1.77 12.46
CA VAL A 13 -8.87 -0.44 11.91
C VAL A 13 -10.18 0.31 11.83
N GLU A 14 -11.29 -0.40 11.52
CA GLU A 14 -12.60 0.25 11.41
C GLU A 14 -12.90 0.99 12.72
N GLY A 15 -12.46 0.46 13.84
CA GLY A 15 -12.84 1.16 15.05
C GLY A 15 -12.04 2.41 15.33
N CYS A 16 -11.11 2.75 14.44
CA CYS A 16 -10.26 3.93 14.56
C CYS A 16 -10.64 5.02 13.59
N MET A 17 -11.62 4.78 12.73
CA MET A 17 -11.74 5.68 11.63
C MET A 17 -12.75 6.73 12.07
N VAL A 18 -12.43 8.01 11.82
CA VAL A 18 -13.32 9.15 12.12
C VAL A 18 -13.38 10.09 10.92
N GLN A 19 -14.29 11.05 10.99
CA GLN A 19 -14.45 12.04 9.96
C GLN A 19 -13.89 13.36 10.51
N VAL A 20 -13.14 14.09 9.68
CA VAL A 20 -12.48 15.35 10.11
C VAL A 20 -12.94 16.40 9.13
N THR A 21 -13.53 17.50 9.61
CA THR A 21 -14.00 18.53 8.71
C THR A 21 -13.36 19.85 9.15
N CYS A 22 -12.86 20.59 8.18
CA CYS A 22 -12.38 21.96 8.41
C CYS A 22 -13.05 22.83 7.37
N GLY A 23 -13.91 23.73 7.84
CA GLY A 23 -14.59 24.59 6.89
C GLY A 23 -15.48 23.78 6.00
N THR A 24 -15.20 23.82 4.70
CA THR A 24 -16.04 23.13 3.75
C THR A 24 -15.33 21.88 3.18
N THR A 25 -14.15 21.56 3.70
CA THR A 25 -13.33 20.42 3.28
C THR A 25 -13.44 19.31 4.32
N THR A 26 -13.69 18.08 3.87
CA THR A 26 -13.78 16.99 4.85
C THR A 26 -13.04 15.76 4.32
N LEU A 27 -12.53 14.95 5.24
CA LEU A 27 -11.82 13.70 4.90
C LEU A 27 -11.82 12.83 6.13
N ASN A 28 -10.99 11.75 6.13
CA ASN A 28 -11.01 10.77 7.19
C ASN A 28 -9.83 11.05 8.09
N GLY A 29 -9.95 10.70 9.35
CA GLY A 29 -8.80 10.66 10.24
C GLY A 29 -8.71 9.34 10.97
N LEU A 30 -7.54 9.09 11.55
CA LEU A 30 -7.23 7.87 12.28
C LEU A 30 -7.09 8.21 13.77
N TRP A 31 -7.95 7.62 14.60
CA TRP A 31 -8.09 8.02 16.01
C TRP A 31 -7.43 6.92 16.86
N LEU A 32 -6.25 7.21 17.42
CA LEU A 32 -5.52 6.29 18.27
C LEU A 32 -5.27 7.01 19.60
N ASP A 33 -5.67 6.38 20.70
CA ASP A 33 -5.57 7.05 22.03
C ASP A 33 -6.24 8.41 21.90
N ASP A 34 -5.65 9.52 22.41
CA ASP A 34 -6.36 10.79 22.33
C ASP A 34 -5.88 11.67 21.18
N VAL A 35 -5.45 11.08 20.06
CA VAL A 35 -4.97 11.88 18.94
C VAL A 35 -5.64 11.38 17.68
N VAL A 36 -6.02 12.33 16.81
CA VAL A 36 -6.53 12.07 15.47
C VAL A 36 -5.49 12.52 14.45
N TYR A 37 -5.08 11.61 13.56
CA TYR A 37 -4.11 11.89 12.50
C TYR A 37 -4.88 12.01 11.19
N CYS A 38 -4.63 13.08 10.43
CA CYS A 38 -5.27 13.24 9.12
C CYS A 38 -4.38 14.00 8.16
N PRO A 39 -4.65 13.90 6.85
CA PRO A 39 -3.87 14.65 5.86
C PRO A 39 -4.00 16.14 6.13
N ARG A 40 -2.88 16.87 6.04
CA ARG A 40 -2.97 18.29 6.39
C ARG A 40 -3.82 19.10 5.43
N HIS A 41 -4.03 18.64 4.19
CA HIS A 41 -4.78 19.47 3.26
C HIS A 41 -6.25 19.58 3.60
N VAL A 42 -6.73 18.99 4.72
CA VAL A 42 -8.09 19.29 5.18
C VAL A 42 -8.24 20.78 5.45
N ILE A 43 -7.13 21.48 5.75
CA ILE A 43 -7.22 22.93 6.02
C ILE A 43 -7.18 23.79 4.77
N CYS A 44 -7.11 23.22 3.60
CA CYS A 44 -7.16 23.98 2.38
C CYS A 44 -8.61 24.22 2.01
N THR A 45 -8.87 25.40 1.48
CA THR A 45 -10.04 25.60 0.63
C THR A 45 -9.69 25.11 -0.76
N SER A 46 -10.70 24.97 -1.62
CA SER A 46 -10.45 24.61 -3.02
C SER A 46 -9.40 25.51 -3.67
N GLU A 47 -9.45 26.82 -3.44
CA GLU A 47 -8.48 27.71 -4.09
C GLU A 47 -7.14 27.75 -3.36
N ASP A 48 -7.03 27.15 -2.17
CA ASP A 48 -5.78 27.01 -1.44
C ASP A 48 -4.89 25.89 -1.98
N MET A 49 -5.39 25.01 -2.85
CA MET A 49 -4.71 23.75 -3.16
C MET A 49 -3.72 23.77 -4.31
N LEU A 50 -3.67 24.83 -5.12
CA LEU A 50 -2.65 24.87 -6.16
C LEU A 50 -1.27 25.14 -5.55
N ASN A 51 -1.18 26.10 -4.62
CA ASN A 51 0.12 26.45 -4.04
C ASN A 51 0.00 26.76 -2.55
N PRO A 52 -0.50 25.81 -1.76
CA PRO A 52 -0.73 26.13 -0.35
C PRO A 52 0.56 26.43 0.39
N ASN A 53 0.55 27.45 1.29
CA ASN A 53 1.58 27.49 2.33
C ASN A 53 0.96 26.94 3.61
N TYR A 54 1.30 25.68 3.93
CA TYR A 54 0.59 25.02 5.00
C TYR A 54 0.84 25.66 6.35
N GLU A 55 2.07 26.15 6.58
CA GLU A 55 2.38 26.74 7.88
C GLU A 55 1.54 28.00 8.11
N ASP A 56 1.35 28.80 7.05
CA ASP A 56 0.44 29.96 7.08
C ASP A 56 -1.01 29.52 7.29
N LEU A 57 -1.47 28.56 6.45
CA LEU A 57 -2.84 28.08 6.58
C LEU A 57 -3.13 27.58 7.99
N LEU A 58 -2.14 26.93 8.67
CA LEU A 58 -2.44 26.35 9.97
C LEU A 58 -2.42 27.41 11.06
N ILE A 59 -1.53 28.39 10.94
CA ILE A 59 -1.48 29.47 11.94
C ILE A 59 -2.81 30.19 12.03
N ARG A 60 -3.52 30.26 10.93
CA ARG A 60 -4.80 30.94 10.92
C ARG A 60 -5.96 30.10 11.40
N LYS A 61 -5.76 28.85 11.85
CA LYS A 61 -6.82 28.03 12.43
C LYS A 61 -6.63 27.95 13.93
N SER A 62 -7.71 27.63 14.64
CA SER A 62 -7.55 27.12 16.01
C SER A 62 -8.41 25.86 16.24
N ASN A 63 -8.39 25.34 17.47
CA ASN A 63 -9.04 24.06 17.77
C ASN A 63 -10.50 24.01 17.31
N HIS A 64 -11.25 25.10 17.48
CA HIS A 64 -12.66 25.02 17.18
C HIS A 64 -12.96 25.02 15.68
N ASN A 65 -11.94 25.17 14.83
CA ASN A 65 -12.14 25.06 13.40
C ASN A 65 -12.19 23.61 12.93
N PHE A 66 -11.78 22.66 13.78
CA PHE A 66 -11.79 21.24 13.39
C PHE A 66 -12.98 20.50 14.03
N LEU A 67 -13.88 20.03 13.20
CA LEU A 67 -14.99 19.17 13.60
C LEU A 67 -14.58 17.71 13.39
N VAL A 68 -14.49 16.95 14.47
CA VAL A 68 -14.16 15.52 14.46
C VAL A 68 -15.41 14.77 14.93
N GLN A 69 -15.83 13.81 14.12
CA GLN A 69 -17.00 13.01 14.40
C GLN A 69 -16.66 11.54 14.37
N ALA A 70 -16.94 10.88 15.47
CA ALA A 70 -16.71 9.46 15.67
C ALA A 70 -18.12 8.84 15.74
N GLY A 71 -18.58 8.28 14.62
CA GLY A 71 -19.96 7.86 14.49
C GLY A 71 -20.84 9.09 14.50
N ASN A 72 -21.80 9.13 15.42
CA ASN A 72 -22.60 10.33 15.66
C ASN A 72 -22.24 10.98 16.99
N VAL A 73 -20.97 10.90 17.40
CA VAL A 73 -20.45 11.59 18.57
C VAL A 73 -19.37 12.55 18.11
N GLN A 74 -19.54 13.85 18.41
CA GLN A 74 -18.47 14.82 18.16
C GLN A 74 -17.41 14.68 19.22
N LEU A 75 -16.14 14.72 18.79
CA LEU A 75 -14.98 14.69 19.67
C LEU A 75 -14.42 16.09 19.74
N ARG A 76 -14.20 16.58 20.95
CA ARG A 76 -13.78 17.95 21.09
C ARG A 76 -12.28 18.00 20.93
N VAL A 77 -11.83 18.87 20.03
CA VAL A 77 -10.42 19.09 19.76
C VAL A 77 -9.84 20.08 20.77
N ILE A 78 -8.73 19.68 21.39
CA ILE A 78 -8.12 20.48 22.45
C ILE A 78 -6.67 20.83 22.15
N GLY A 79 -6.15 20.43 21.01
CA GLY A 79 -4.81 20.78 20.61
C GLY A 79 -4.67 20.41 19.15
N HIS A 80 -3.75 21.11 18.46
CA HIS A 80 -3.47 20.74 17.07
C HIS A 80 -2.01 21.03 16.75
N SER A 81 -1.47 20.23 15.85
CA SER A 81 -0.11 20.54 15.38
C SER A 81 0.11 19.91 14.02
N MET A 82 1.12 20.39 13.31
CA MET A 82 1.49 19.83 12.02
C MET A 82 2.70 18.94 12.23
N GLN A 83 2.69 17.77 11.60
CA GLN A 83 3.92 16.97 11.55
C GLN A 83 4.13 16.51 10.10
N ASN A 84 5.05 17.16 9.39
CA ASN A 84 5.28 16.85 7.96
C ASN A 84 3.96 17.07 7.23
N CYS A 85 3.39 16.08 6.50
CA CYS A 85 2.16 16.31 5.76
C CYS A 85 0.91 15.82 6.47
N VAL A 86 1.01 15.48 7.75
CA VAL A 86 -0.21 15.16 8.46
C VAL A 86 -0.45 16.16 9.59
N LEU A 87 -1.69 16.18 10.05
CA LEU A 87 -2.08 16.96 11.25
C LEU A 87 -2.29 16.02 12.42
N LYS A 88 -1.92 16.46 13.63
CA LYS A 88 -2.22 15.73 14.84
C LYS A 88 -3.21 16.58 15.63
N LEU A 89 -4.41 16.05 15.83
CA LEU A 89 -5.48 16.77 16.50
C LEU A 89 -5.66 16.09 17.85
N LYS A 90 -5.27 16.76 18.91
CA LYS A 90 -5.49 16.19 20.24
C LYS A 90 -6.96 16.36 20.61
N VAL A 91 -7.61 15.27 21.06
CA VAL A 91 -9.02 15.31 21.42
C VAL A 91 -9.16 14.95 22.90
N ASP A 92 -10.35 15.23 23.47
CA ASP A 92 -10.49 15.06 24.92
C ASP A 92 -10.76 13.63 25.36
N THR A 93 -10.96 12.69 24.43
CA THR A 93 -11.36 11.32 24.71
C THR A 93 -10.37 10.36 24.08
N ALA A 94 -9.82 9.43 24.85
CA ALA A 94 -9.01 8.41 24.22
C ALA A 94 -9.93 7.41 23.53
N ASN A 95 -9.52 6.94 22.36
CA ASN A 95 -10.34 5.93 21.67
C ASN A 95 -10.39 4.62 22.45
N PRO A 96 -11.56 4.17 22.93
CA PRO A 96 -11.58 2.93 23.70
C PRO A 96 -11.23 1.72 22.85
N LYS A 97 -11.36 1.84 21.54
CA LYS A 97 -11.07 0.73 20.63
C LYS A 97 -9.64 0.76 20.06
N THR A 98 -8.72 1.50 20.68
CA THR A 98 -7.36 1.57 20.15
C THR A 98 -6.69 0.21 20.21
N PRO A 99 -6.24 -0.34 19.08
CA PRO A 99 -5.56 -1.63 19.10
C PRO A 99 -4.12 -1.42 19.51
N LYS A 100 -3.45 -2.53 19.79
CA LYS A 100 -1.98 -2.48 19.80
C LYS A 100 -1.52 -2.04 18.42
N TYR A 101 -0.60 -1.06 18.33
CA TYR A 101 -0.23 -0.61 16.99
C TYR A 101 1.20 -0.09 16.94
N LYS A 102 1.69 0.05 15.69
CA LYS A 102 3.07 0.50 15.40
C LYS A 102 2.92 1.40 14.17
N PHE A 103 3.76 2.45 14.04
CA PHE A 103 3.87 3.18 12.79
C PHE A 103 5.17 2.74 12.12
N VAL A 104 5.07 2.09 10.95
CA VAL A 104 6.21 1.52 10.24
C VAL A 104 6.21 2.15 8.85
N ARG A 105 7.38 2.29 8.27
CA ARG A 105 7.43 2.71 6.89
C ARG A 105 7.83 1.47 6.08
N ILE A 106 7.16 1.23 4.96
CA ILE A 106 7.47 0.02 4.19
C ILE A 106 8.36 0.35 3.01
N GLN A 107 8.91 -0.69 2.40
CA GLN A 107 9.72 -0.66 1.21
C GLN A 107 8.89 -0.90 -0.04
N PRO A 108 9.37 -0.37 -1.16
CA PRO A 108 8.81 -0.77 -2.45
C PRO A 108 8.89 -2.27 -2.62
N GLY A 109 7.84 -2.84 -3.17
CA GLY A 109 7.72 -4.29 -3.27
C GLY A 109 6.92 -4.94 -2.15
N GLN A 110 6.74 -4.27 -1.03
CA GLN A 110 5.96 -4.87 0.03
CA GLN A 110 5.97 -4.79 0.10
C GLN A 110 4.47 -4.51 -0.09
N THR A 111 3.63 -5.36 0.51
CA THR A 111 2.18 -5.20 0.38
C THR A 111 1.55 -4.76 1.71
N PHE A 112 0.29 -4.31 1.64
CA PHE A 112 -0.49 -3.93 2.80
C PHE A 112 -1.95 -3.89 2.38
N SER A 113 -2.84 -3.93 3.39
CA SER A 113 -4.27 -3.80 3.19
C SER A 113 -4.71 -2.34 3.33
N VAL A 114 -5.58 -1.89 2.42
CA VAL A 114 -6.17 -0.55 2.44
C VAL A 114 -7.60 -0.67 2.92
N LEU A 115 -7.97 0.12 3.94
CA LEU A 115 -9.39 0.23 4.32
C LEU A 115 -9.90 1.52 3.73
N ALA A 116 -10.53 1.43 2.55
CA ALA A 116 -11.07 2.64 1.93
C ALA A 116 -12.25 3.20 2.73
N CYS A 117 -12.23 4.52 2.97
CA CYS A 117 -13.23 5.18 3.81
C CYS A 117 -13.72 6.48 3.19
N TYR A 118 -14.97 6.82 3.49
CA TYR A 118 -15.59 8.09 3.09
C TYR A 118 -16.41 8.59 4.26
N ASN A 119 -16.18 9.86 4.61
CA ASN A 119 -16.92 10.50 5.71
C ASN A 119 -16.75 9.74 7.01
N GLY A 120 -15.53 9.21 7.26
CA GLY A 120 -15.30 8.50 8.49
C GLY A 120 -15.84 7.09 8.48
N SER A 121 -16.50 6.66 7.40
CA SER A 121 -17.18 5.34 7.35
C SER A 121 -16.46 4.38 6.42
N PRO A 122 -16.02 3.22 6.91
CA PRO A 122 -15.38 2.23 6.03
C PRO A 122 -16.30 1.75 4.93
N SER A 123 -15.74 1.69 3.72
CA SER A 123 -16.39 1.33 2.46
C SER A 123 -15.96 -0.03 1.90
N GLY A 124 -14.67 -0.34 1.92
CA GLY A 124 -14.21 -1.65 1.43
C GLY A 124 -12.76 -1.84 1.79
N VAL A 125 -12.27 -3.08 1.58
CA VAL A 125 -10.92 -3.45 1.95
C VAL A 125 -10.26 -4.11 0.76
N TYR A 126 -9.01 -3.75 0.46
CA TYR A 126 -8.31 -4.43 -0.62
C TYR A 126 -6.81 -4.40 -0.33
N GLN A 127 -6.08 -5.21 -1.09
CA GLN A 127 -4.65 -5.36 -0.94
C GLN A 127 -3.93 -4.55 -2.02
N CYS A 128 -2.81 -3.88 -1.65
CA CYS A 128 -1.99 -3.01 -2.49
C CYS A 128 -0.52 -3.40 -2.30
N ALA A 129 0.31 -3.22 -3.34
CA ALA A 129 1.76 -3.19 -3.14
C ALA A 129 2.28 -1.76 -3.30
N MET A 130 3.37 -1.44 -2.60
CA MET A 130 4.10 -0.17 -2.78
C MET A 130 4.90 -0.40 -4.08
N ARG A 131 4.62 0.34 -5.18
CA ARG A 131 5.37 0.12 -6.45
C ARG A 131 6.84 0.59 -6.30
N PRO A 132 7.75 0.06 -7.14
CA PRO A 132 9.13 0.58 -7.16
C PRO A 132 9.17 2.08 -7.34
N ASN A 133 8.16 2.69 -7.97
CA ASN A 133 8.17 4.15 -8.14
C ASN A 133 7.42 4.87 -7.05
N PHE A 134 7.11 4.17 -5.95
CA PHE A 134 6.51 4.74 -4.74
C PHE A 134 5.07 5.18 -4.93
N THR A 135 4.38 4.74 -5.99
CA THR A 135 2.96 4.95 -6.07
C THR A 135 2.27 3.63 -5.66
N ILE A 136 0.95 3.68 -5.52
CA ILE A 136 0.15 2.46 -5.31
C ILE A 136 -0.99 2.50 -6.31
N LYS A 137 -1.40 1.33 -6.80
CA LYS A 137 -2.48 1.25 -7.78
C LYS A 137 -3.70 0.90 -6.95
N GLY A 138 -4.39 1.93 -6.45
CA GLY A 138 -5.49 1.73 -5.55
C GLY A 138 -6.83 1.97 -6.21
N SER A 139 -7.84 2.14 -5.38
CA SER A 139 -9.18 2.54 -5.82
C SER A 139 -9.67 3.59 -4.83
N PHE A 140 -9.61 4.85 -5.26
CA PHE A 140 -9.84 5.97 -4.36
C PHE A 140 -10.58 7.06 -5.10
N LEU A 141 -11.60 7.60 -4.47
CA LEU A 141 -12.42 8.68 -5.02
C LEU A 141 -12.27 9.89 -4.13
N ASN A 142 -12.73 11.04 -4.62
CA ASN A 142 -12.70 12.21 -3.76
C ASN A 142 -13.37 11.90 -2.42
N GLY A 143 -12.74 12.33 -1.35
CA GLY A 143 -13.22 12.05 -0.01
C GLY A 143 -12.47 10.90 0.67
N SER A 144 -11.67 10.17 -0.08
CA SER A 144 -10.98 9.00 0.49
C SER A 144 -9.69 9.37 1.20
N ALA A 145 -9.21 10.60 1.07
CA ALA A 145 -7.98 10.92 1.81
C ALA A 145 -8.13 10.69 3.31
N GLY A 146 -7.07 10.22 3.94
CA GLY A 146 -7.07 9.80 5.31
C GLY A 146 -7.36 8.34 5.55
N SER A 147 -7.84 7.62 4.54
CA SER A 147 -7.88 6.15 4.59
C SER A 147 -6.45 5.63 4.77
N VAL A 148 -6.31 4.52 5.49
CA VAL A 148 -4.97 4.04 5.85
C VAL A 148 -4.71 2.65 5.30
N GLY A 149 -3.42 2.34 5.22
CA GLY A 149 -2.97 1.02 4.80
C GLY A 149 -2.20 0.43 5.97
N PHE A 150 -2.25 -0.92 6.09
CA PHE A 150 -1.73 -1.56 7.28
C PHE A 150 -1.49 -3.04 7.03
N ASN A 151 -0.69 -3.63 7.94
CA ASN A 151 -0.50 -5.08 8.06
C ASN A 151 -0.82 -5.44 9.52
N ILE A 152 -1.22 -6.71 9.78
CA ILE A 152 -1.54 -7.12 11.14
C ILE A 152 -0.66 -8.31 11.46
N ASP A 153 -0.01 -8.27 12.61
CA ASP A 153 0.83 -9.35 13.10
C ASP A 153 0.40 -9.64 14.52
N TYR A 154 -0.11 -10.83 14.78
CA TYR A 154 -0.62 -11.15 16.12
C TYR A 154 -1.78 -10.16 16.34
N ASP A 155 -1.83 -9.41 17.43
CA ASP A 155 -2.92 -8.45 17.51
C ASP A 155 -2.44 -7.03 17.30
N CYS A 156 -1.33 -6.86 16.61
CA CYS A 156 -0.70 -5.54 16.46
C CYS A 156 -0.89 -5.03 15.04
N VAL A 157 -1.51 -3.86 14.90
CA VAL A 157 -1.70 -3.23 13.60
C VAL A 157 -0.48 -2.35 13.31
N SER A 158 0.24 -2.64 12.21
CA SER A 158 1.40 -1.80 11.83
C SER A 158 0.86 -0.93 10.72
N PHE A 159 0.56 0.31 11.03
CA PHE A 159 0.12 1.25 10.01
C PHE A 159 1.32 1.69 9.17
N CYS A 160 1.18 1.63 7.84
CA CYS A 160 2.26 2.04 6.98
C CYS A 160 1.88 3.11 5.96
N TYR A 161 0.59 3.39 5.76
CA TYR A 161 0.24 4.31 4.67
C TYR A 161 -0.96 5.14 5.11
N MET A 162 -0.94 6.44 4.77
CA MET A 162 -2.17 7.23 4.80
C MET A 162 -2.36 7.89 3.45
N HIS A 163 -3.56 7.79 2.90
CA HIS A 163 -3.82 8.24 1.55
C HIS A 163 -3.97 9.76 1.47
N HIS A 164 -3.36 10.38 0.44
CA HIS A 164 -3.50 11.84 0.19
C HIS A 164 -4.11 12.17 -1.16
N MET A 165 -3.67 11.56 -2.27
CA MET A 165 -3.94 12.18 -3.57
C MET A 165 -3.83 11.20 -4.73
N GLU A 166 -4.37 11.63 -5.87
CA GLU A 166 -4.31 10.83 -7.09
C GLU A 166 -3.47 11.58 -8.13
N LEU A 167 -2.52 10.88 -8.72
CA LEU A 167 -1.71 11.48 -9.80
C LEU A 167 -2.47 11.46 -11.11
N PRO A 168 -2.01 12.23 -12.11
CA PRO A 168 -2.73 12.29 -13.39
C PRO A 168 -2.92 10.97 -14.09
N THR A 169 -2.00 10.02 -13.97
CA THR A 169 -2.19 8.70 -14.55
C THR A 169 -3.18 7.79 -13.83
N GLY A 170 -3.76 8.20 -12.70
CA GLY A 170 -4.77 7.41 -12.05
C GLY A 170 -4.22 6.55 -10.94
N VAL A 171 -2.91 6.64 -10.69
CA VAL A 171 -2.29 5.97 -9.54
C VAL A 171 -2.29 6.90 -8.34
N HIS A 172 -1.95 6.36 -7.19
CA HIS A 172 -2.20 7.06 -5.92
C HIS A 172 -0.93 7.30 -5.12
N ALA A 173 -0.93 8.34 -4.30
CA ALA A 173 0.28 8.69 -3.55
C ALA A 173 -0.12 9.12 -2.16
N GLY A 174 0.76 8.90 -1.19
CA GLY A 174 0.45 9.18 0.18
C GLY A 174 1.68 9.15 1.05
N THR A 175 1.44 9.11 2.35
CA THR A 175 2.55 9.24 3.30
C THR A 175 2.58 8.04 4.21
N ASP A 176 3.71 7.91 4.94
CA ASP A 176 3.68 7.05 6.12
C ASP A 176 2.92 7.81 7.24
N LEU A 177 2.79 7.21 8.42
CA LEU A 177 1.95 7.83 9.47
C LEU A 177 2.70 8.91 10.25
N GLU A 178 3.96 9.12 9.94
CA GLU A 178 4.65 10.34 10.41
C GLU A 178 4.50 11.49 9.46
N GLY A 179 3.76 11.33 8.36
CA GLY A 179 3.48 12.36 7.38
C GLY A 179 4.54 12.56 6.30
N ASN A 180 5.49 11.60 6.16
CA ASN A 180 6.51 11.71 5.13
C ASN A 180 6.04 10.98 3.88
N PHE A 181 6.04 11.68 2.75
CA PHE A 181 5.55 11.06 1.51
C PHE A 181 6.41 9.87 1.11
N TYR A 182 5.74 8.86 0.56
CA TYR A 182 6.38 7.86 -0.26
C TYR A 182 6.65 8.44 -1.63
N GLY A 183 7.90 8.55 -1.98
CA GLY A 183 8.24 9.05 -3.33
C GLY A 183 8.28 10.55 -3.42
N PRO A 184 8.61 11.05 -4.60
CA PRO A 184 8.96 12.48 -4.79
C PRO A 184 7.73 13.28 -5.14
N PHE A 185 6.72 13.20 -4.27
CA PHE A 185 5.40 13.77 -4.49
C PHE A 185 5.16 14.78 -3.37
N VAL A 186 4.33 15.81 -3.67
CA VAL A 186 3.95 16.84 -2.72
C VAL A 186 2.44 17.01 -2.74
N ASP A 187 1.88 17.46 -1.59
CA ASP A 187 0.42 17.56 -1.47
C ASP A 187 -0.05 18.93 -1.98
N ARG A 188 0.01 19.03 -3.31
CA ARG A 188 -0.27 20.21 -4.15
CA ARG A 188 -0.35 20.21 -4.11
C ARG A 188 -1.01 19.75 -5.40
N GLN A 189 -2.01 20.52 -5.87
CA GLN A 189 -2.65 20.13 -7.14
C GLN A 189 -1.89 20.75 -8.31
N THR A 190 -0.70 20.18 -8.51
CA THR A 190 0.22 20.55 -9.57
C THR A 190 0.45 19.39 -10.51
N ALA A 191 1.03 19.70 -11.67
CA ALA A 191 1.54 18.69 -12.59
C ALA A 191 2.64 17.88 -11.88
N GLN A 192 2.42 16.60 -11.72
CA GLN A 192 3.40 15.75 -11.06
C GLN A 192 3.32 14.40 -11.76
N ALA A 193 4.44 13.73 -11.89
CA ALA A 193 4.38 12.39 -12.49
C ALA A 193 5.27 11.41 -11.74
N ALA A 194 4.85 10.16 -11.75
CA ALA A 194 5.71 9.14 -11.16
C ALA A 194 6.89 8.78 -12.07
N GLY A 195 8.01 8.46 -11.44
CA GLY A 195 9.11 7.85 -12.16
C GLY A 195 8.70 6.58 -12.91
N THR A 196 9.55 6.17 -13.83
CA THR A 196 9.24 4.94 -14.56
C THR A 196 9.12 3.79 -13.54
N ASP A 197 8.16 2.89 -13.75
CA ASP A 197 8.03 1.76 -12.82
C ASP A 197 8.78 0.53 -13.36
N THR A 198 8.91 -0.46 -12.50
CA THR A 198 9.55 -1.72 -12.88
C THR A 198 8.75 -2.85 -12.24
N THR A 199 8.97 -4.09 -12.71
CA THR A 199 8.22 -5.24 -12.17
C THR A 199 9.00 -5.89 -11.02
N ILE A 200 8.30 -6.30 -9.96
CA ILE A 200 8.94 -6.78 -8.72
C ILE A 200 9.27 -8.27 -8.90
N THR A 201 10.54 -8.57 -9.24
CA THR A 201 10.93 -9.92 -9.68
C THR A 201 10.72 -10.95 -8.59
N VAL A 202 11.14 -10.63 -7.36
CA VAL A 202 11.03 -11.67 -6.33
C VAL A 202 9.59 -12.00 -6.12
N ASN A 203 8.72 -11.01 -6.27
CA ASN A 203 7.31 -11.32 -6.10
C ASN A 203 6.78 -12.22 -7.21
N VAL A 204 7.18 -11.98 -8.44
CA VAL A 204 6.75 -12.84 -9.54
C VAL A 204 7.17 -14.25 -9.27
N LEU A 205 8.39 -14.42 -8.76
CA LEU A 205 8.85 -15.79 -8.44
C LEU A 205 8.01 -16.40 -7.33
N ALA A 206 7.69 -15.61 -6.31
CA ALA A 206 6.88 -16.11 -5.23
C ALA A 206 5.52 -16.61 -5.73
N TRP A 207 4.90 -15.85 -6.63
CA TRP A 207 3.60 -16.18 -7.20
C TRP A 207 3.71 -17.45 -8.09
N LEU A 208 4.81 -17.58 -8.81
CA LEU A 208 5.04 -18.86 -9.53
C LEU A 208 5.12 -20.04 -8.58
N TYR A 209 5.77 -19.87 -7.43
CA TYR A 209 5.75 -20.93 -6.43
C TYR A 209 4.35 -21.20 -5.91
N ALA A 210 3.56 -20.14 -5.60
CA ALA A 210 2.17 -20.36 -5.26
C ALA A 210 1.46 -21.18 -6.34
N ALA A 211 1.74 -20.90 -7.63
CA ALA A 211 1.08 -21.60 -8.71
C ALA A 211 1.40 -23.10 -8.65
N VAL A 212 2.69 -23.44 -8.49
CA VAL A 212 3.08 -24.86 -8.40
C VAL A 212 2.39 -25.53 -7.19
N ILE A 213 2.41 -24.87 -6.04
CA ILE A 213 1.77 -25.37 -4.82
C ILE A 213 0.29 -25.65 -5.06
N ASN A 214 -0.35 -24.87 -5.94
CA ASN A 214 -1.74 -25.08 -6.34
C ASN A 214 -1.94 -25.95 -7.61
N GLY A 215 -0.89 -26.55 -8.12
CA GLY A 215 -1.00 -27.47 -9.24
C GLY A 215 -0.85 -26.93 -10.65
N ASP A 216 -0.53 -25.65 -10.85
CA ASP A 216 -0.21 -25.14 -12.18
C ASP A 216 1.29 -25.39 -12.36
N ARG A 217 1.64 -26.35 -13.25
CA ARG A 217 3.05 -26.72 -13.46
C ARG A 217 3.49 -26.62 -14.91
N TRP A 218 2.60 -26.18 -15.81
CA TRP A 218 2.89 -26.22 -17.23
C TRP A 218 4.09 -25.39 -17.65
N PHE A 219 4.43 -24.30 -16.92
CA PHE A 219 5.53 -23.42 -17.28
C PHE A 219 6.88 -23.93 -16.77
N LEU A 220 6.89 -25.01 -16.00
CA LEU A 220 8.12 -25.58 -15.48
C LEU A 220 8.88 -26.27 -16.61
N ASN A 221 10.18 -26.42 -16.42
CA ASN A 221 11.09 -26.96 -17.43
C ASN A 221 12.31 -27.52 -16.72
N ARG A 222 13.07 -28.33 -17.47
CA ARG A 222 14.22 -29.02 -16.93
C ARG A 222 15.48 -28.16 -16.90
N PHE A 223 15.41 -26.93 -17.45
CA PHE A 223 16.53 -25.98 -17.50
C PHE A 223 16.76 -25.28 -16.16
N THR A 224 18.01 -24.89 -15.93
CA THR A 224 18.35 -23.95 -14.88
C THR A 224 19.10 -22.78 -15.52
N THR A 225 19.37 -21.78 -14.70
CA THR A 225 20.12 -20.64 -15.18
C THR A 225 20.98 -20.09 -14.04
N THR A 226 21.93 -19.24 -14.40
CA THR A 226 22.73 -18.56 -13.38
C THR A 226 22.04 -17.25 -13.00
N LEU A 227 22.27 -16.82 -11.76
CA LEU A 227 21.83 -15.50 -11.31
C LEU A 227 22.27 -14.41 -12.28
N ASN A 228 23.50 -14.50 -12.78
CA ASN A 228 23.99 -13.47 -13.69
C ASN A 228 23.22 -13.49 -14.99
N ASP A 229 23.03 -14.67 -15.58
CA ASP A 229 22.35 -14.73 -16.87
C ASP A 229 20.86 -14.37 -16.73
N PHE A 230 20.24 -14.76 -15.60
CA PHE A 230 18.87 -14.33 -15.35
C PHE A 230 18.77 -12.79 -15.27
N ASN A 231 19.68 -12.15 -14.54
CA ASN A 231 19.57 -10.70 -14.35
C ASN A 231 19.78 -9.93 -15.66
N LEU A 232 20.54 -10.51 -16.60
CA LEU A 232 20.60 -9.94 -17.94
C LEU A 232 19.25 -9.98 -18.62
N VAL A 233 18.48 -11.05 -18.42
CA VAL A 233 17.16 -11.10 -19.02
C VAL A 233 16.22 -10.14 -18.29
N ALA A 234 16.32 -10.09 -16.95
CA ALA A 234 15.46 -9.19 -16.17
C ALA A 234 15.63 -7.75 -16.61
N MET A 235 16.88 -7.31 -16.77
CA MET A 235 17.04 -5.91 -17.13
C MET A 235 16.42 -5.63 -18.50
N LYS A 236 16.43 -6.62 -19.41
CA LYS A 236 15.92 -6.35 -20.74
C LYS A 236 14.41 -6.15 -20.73
N TYR A 237 13.71 -6.85 -19.83
CA TYR A 237 12.26 -6.81 -19.71
C TYR A 237 11.80 -5.89 -18.57
N ASN A 238 12.69 -5.00 -18.08
CA ASN A 238 12.27 -4.03 -17.06
C ASN A 238 11.83 -4.71 -15.77
N TYR A 239 12.53 -5.79 -15.39
CA TYR A 239 12.33 -6.43 -14.11
C TYR A 239 13.45 -5.97 -13.19
N GLU A 240 13.16 -5.91 -11.89
N GLU A 240 13.17 -5.91 -11.90
CA GLU A 240 14.25 -5.50 -11.02
CA GLU A 240 14.22 -5.56 -10.97
C GLU A 240 15.21 -6.65 -10.76
C GLU A 240 15.26 -6.68 -10.90
N PRO A 241 16.49 -6.35 -10.55
CA PRO A 241 17.49 -7.41 -10.36
C PRO A 241 17.13 -8.28 -9.18
N LEU A 242 17.46 -9.55 -9.32
CA LEU A 242 17.25 -10.55 -8.28
C LEU A 242 18.51 -10.66 -7.45
N THR A 243 18.38 -10.52 -6.13
CA THR A 243 19.57 -10.60 -5.32
C THR A 243 19.69 -11.99 -4.73
N GLN A 244 20.90 -12.29 -4.27
CA GLN A 244 21.04 -13.45 -3.39
C GLN A 244 20.12 -13.37 -2.17
N ASP A 245 19.86 -12.18 -1.60
CA ASP A 245 18.92 -12.16 -0.48
C ASP A 245 17.51 -12.61 -0.92
N HIS A 246 17.08 -12.22 -2.12
CA HIS A 246 15.82 -12.72 -2.68
C HIS A 246 15.81 -14.24 -2.81
N VAL A 247 16.87 -14.82 -3.39
CA VAL A 247 17.00 -16.28 -3.45
C VAL A 247 16.83 -16.90 -2.07
N ASP A 248 17.50 -16.32 -1.07
CA ASP A 248 17.38 -16.80 0.30
C ASP A 248 15.94 -16.69 0.81
N ILE A 249 15.31 -15.54 0.55
CA ILE A 249 13.96 -15.36 1.08
C ILE A 249 13.05 -16.41 0.46
N LEU A 250 13.32 -16.79 -0.77
CA LEU A 250 12.45 -17.75 -1.44
C LEU A 250 12.75 -19.18 -1.01
N GLY A 251 13.78 -19.35 -0.16
CA GLY A 251 14.22 -20.65 0.32
C GLY A 251 13.10 -21.58 0.73
N PRO A 252 12.26 -21.17 1.69
CA PRO A 252 11.19 -22.06 2.17
C PRO A 252 10.24 -22.54 1.08
N LEU A 253 9.88 -21.65 0.15
CA LEU A 253 9.00 -22.05 -0.94
C LEU A 253 9.74 -22.98 -1.91
N SER A 254 11.03 -22.72 -2.16
CA SER A 254 11.79 -23.63 -2.99
CA SER A 254 11.81 -23.63 -2.98
C SER A 254 11.92 -25.00 -2.35
N ALA A 255 12.00 -25.06 -1.01
CA ALA A 255 12.08 -26.37 -0.33
C ALA A 255 10.77 -27.10 -0.43
N GLN A 256 9.68 -26.40 -0.15
CA GLN A 256 8.37 -27.02 -0.15
C GLN A 256 8.08 -27.66 -1.50
N THR A 257 8.43 -26.99 -2.57
CA THR A 257 8.12 -27.46 -3.92
C THR A 257 9.21 -28.34 -4.52
N GLY A 258 10.41 -28.35 -3.94
CA GLY A 258 11.53 -29.02 -4.58
C GLY A 258 12.05 -28.38 -5.85
N ILE A 259 11.72 -27.12 -6.12
CA ILE A 259 12.16 -26.48 -7.33
C ILE A 259 13.15 -25.39 -6.93
N ALA A 260 14.39 -25.51 -7.40
CA ALA A 260 15.43 -24.57 -7.01
C ALA A 260 15.09 -23.19 -7.53
N VAL A 261 15.46 -22.16 -6.76
CA VAL A 261 15.14 -20.79 -7.19
C VAL A 261 15.66 -20.52 -8.59
N LEU A 262 16.90 -20.94 -8.88
CA LEU A 262 17.45 -20.65 -10.20
C LEU A 262 16.79 -21.51 -11.29
N ASP A 263 16.22 -22.67 -10.92
N ASP A 263 16.22 -22.65 -10.91
CA ASP A 263 15.38 -23.46 -11.81
CA ASP A 263 15.40 -23.39 -11.86
C ASP A 263 14.09 -22.67 -12.13
C ASP A 263 14.11 -22.61 -12.16
N MET A 264 13.49 -22.06 -11.12
CA MET A 264 12.28 -21.26 -11.35
C MET A 264 12.60 -20.03 -12.18
N CYS A 265 13.79 -19.45 -11.99
CA CYS A 265 14.19 -18.34 -12.85
C CYS A 265 14.28 -18.74 -14.32
N ALA A 266 14.75 -19.96 -14.63
CA ALA A 266 14.71 -20.45 -16.01
C ALA A 266 13.29 -20.48 -16.58
N SER A 267 12.29 -20.86 -15.77
CA SER A 267 10.89 -20.74 -16.21
C SER A 267 10.51 -19.29 -16.48
N LEU A 268 10.81 -18.40 -15.54
CA LEU A 268 10.47 -17.00 -15.76
C LEU A 268 11.14 -16.45 -17.02
N LYS A 269 12.43 -16.76 -17.23
CA LYS A 269 13.07 -16.37 -18.50
C LYS A 269 12.23 -16.79 -19.71
N GLU A 270 11.81 -18.09 -19.76
CA GLU A 270 11.04 -18.53 -20.92
C GLU A 270 9.70 -17.82 -21.06
N LEU A 271 8.98 -17.62 -19.94
CA LEU A 271 7.73 -16.88 -19.97
C LEU A 271 7.92 -15.48 -20.50
N LEU A 272 9.02 -14.82 -20.08
CA LEU A 272 9.30 -13.46 -20.53
C LEU A 272 9.58 -13.45 -22.03
N GLN A 273 10.30 -14.47 -22.52
CA GLN A 273 10.69 -14.47 -23.94
C GLN A 273 9.59 -14.97 -24.88
N ASN A 274 8.73 -15.88 -24.42
CA ASN A 274 7.72 -16.51 -25.25
C ASN A 274 6.26 -16.23 -24.84
N GLY A 275 5.99 -15.65 -23.66
CA GLY A 275 4.60 -15.44 -23.26
C GLY A 275 3.97 -16.74 -22.80
N MET A 276 2.64 -16.79 -22.69
CA MET A 276 2.05 -18.01 -22.19
C MET A 276 1.32 -18.85 -23.24
N ASN A 277 1.36 -18.48 -24.52
CA ASN A 277 0.68 -19.20 -25.61
C ASN A 277 -0.75 -19.56 -25.24
N GLY A 278 -1.47 -18.58 -24.69
CA GLY A 278 -2.87 -18.71 -24.40
C GLY A 278 -3.22 -19.42 -23.11
N ARG A 279 -2.24 -19.85 -22.32
CA ARG A 279 -2.54 -20.45 -21.03
C ARG A 279 -2.54 -19.39 -19.90
N THR A 280 -2.97 -19.83 -18.74
CA THR A 280 -3.03 -18.97 -17.56
C THR A 280 -2.27 -19.61 -16.41
N ILE A 281 -1.93 -18.77 -15.43
CA ILE A 281 -1.33 -19.19 -14.18
C ILE A 281 -2.17 -18.60 -13.06
N LEU A 282 -2.70 -19.45 -12.20
CA LEU A 282 -3.54 -19.00 -11.07
C LEU A 282 -4.63 -18.05 -11.53
N GLY A 283 -5.20 -18.36 -12.70
CA GLY A 283 -6.26 -17.54 -13.28
C GLY A 283 -5.86 -16.25 -13.95
N SER A 284 -4.58 -16.00 -14.16
CA SER A 284 -4.12 -14.74 -14.75
C SER A 284 -3.41 -15.01 -16.06
N ALA A 285 -3.56 -14.13 -17.05
CA ALA A 285 -2.79 -14.27 -18.28
C ALA A 285 -1.58 -13.36 -18.33
N LEU A 286 -1.22 -12.76 -17.19
CA LEU A 286 -0.06 -11.89 -16.99
C LEU A 286 0.73 -12.37 -15.79
N LEU A 287 1.99 -11.97 -15.73
CA LEU A 287 2.82 -12.37 -14.61
C LEU A 287 2.52 -11.40 -13.47
N GLU A 288 2.01 -11.93 -12.36
CA GLU A 288 1.60 -11.09 -11.22
C GLU A 288 2.76 -10.79 -10.26
N ASP A 289 2.88 -9.51 -9.82
CA ASP A 289 4.03 -9.13 -8.99
C ASP A 289 3.64 -8.42 -7.71
N GLU A 290 2.37 -8.53 -7.28
CA GLU A 290 1.95 -7.88 -6.04
C GLU A 290 1.69 -8.88 -4.91
N PHE A 291 2.33 -10.07 -4.97
CA PHE A 291 2.32 -10.98 -3.82
C PHE A 291 3.77 -11.15 -3.32
N THR A 292 3.99 -10.86 -2.06
CA THR A 292 5.35 -11.10 -1.54
C THR A 292 5.53 -12.58 -1.19
N PRO A 293 6.77 -13.01 -0.98
CA PRO A 293 6.98 -14.37 -0.48
C PRO A 293 6.22 -14.61 0.82
N PHE A 294 6.11 -13.60 1.69
CA PHE A 294 5.35 -13.76 2.91
C PHE A 294 3.89 -13.97 2.60
N ASP A 295 3.32 -13.15 1.69
CA ASP A 295 1.90 -13.35 1.32
C ASP A 295 1.65 -14.76 0.84
N VAL A 296 2.57 -15.29 0.02
CA VAL A 296 2.40 -16.67 -0.48
C VAL A 296 2.45 -17.69 0.67
N VAL A 297 3.47 -17.60 1.50
CA VAL A 297 3.58 -18.56 2.60
C VAL A 297 2.37 -18.45 3.53
N ARG A 298 1.89 -17.23 3.76
CA ARG A 298 0.79 -17.03 4.70
CA ARG A 298 0.76 -16.97 4.67
C ARG A 298 -0.48 -17.71 4.21
N GLN A 299 -0.69 -17.72 2.92
CA GLN A 299 -1.98 -18.14 2.39
C GLN A 299 -1.96 -19.59 2.02
N CYS A 300 -0.84 -20.04 1.49
CA CYS A 300 -0.53 -21.41 1.19
C CYS A 300 -0.06 -22.16 2.51
N SER A 301 -0.46 -21.67 3.71
CA SER A 301 -0.09 -22.22 5.05
C SER A 301 -1.03 -21.81 6.22
N GLY A 302 -1.70 -20.65 6.14
CA GLY A 302 -2.92 -20.42 6.94
C GLY A 302 -2.83 -19.80 8.32
N VAL A 303 -2.05 -18.73 8.46
CA VAL A 303 -1.86 -18.06 9.76
C VAL A 303 -3.07 -17.16 10.04
N THR A 304 -3.79 -17.44 11.13
CA THR A 304 -5.01 -16.67 11.50
C THR A 304 -4.74 -15.61 12.57
N ASN B 1 -1.95 17.74 -17.18
CA ASN B 1 -2.85 17.31 -16.11
C ASN B 1 -2.24 17.43 -14.71
N ARG B 2 -3.10 17.63 -13.70
CA ARG B 2 -2.67 17.93 -12.34
C ARG B 2 -3.08 16.85 -11.34
N ALA B 3 -2.29 16.74 -10.31
CA ALA B 3 -2.67 15.89 -9.20
C ALA B 3 -3.93 16.41 -8.52
N THR B 4 -4.69 15.49 -7.95
CA THR B 4 -5.91 15.79 -7.22
C THR B 4 -5.73 15.38 -5.78
N LEU B 5 -5.89 16.32 -4.84
CA LEU B 5 -5.96 15.98 -3.42
C LEU B 5 -7.32 15.37 -3.12
N GLN B 6 -7.37 14.26 -2.38
CA GLN B 6 -8.65 13.58 -2.33
C GLN B 6 -9.39 13.74 -1.01
N ALA B 7 -9.26 14.89 -0.35
CA ALA B 7 -10.38 15.33 0.51
C ALA B 7 -11.64 15.61 -0.32
N ILE B 8 -12.73 16.02 0.34
CA ILE B 8 -13.86 16.71 -0.35
C ILE B 8 -14.30 17.99 0.36
C1 EDO C . 4.27 24.29 3.61
O1 EDO C . 3.68 24.54 2.35
C2 EDO C . 4.34 25.58 4.44
O2 EDO C . 4.82 25.23 5.74
C1 EDO D . -16.94 8.28 11.97
O1 EDO D . -16.51 6.88 11.91
C2 EDO D . -18.19 8.51 11.09
O2 EDO D . -18.57 9.91 11.12
C1 GOL E . -4.41 -11.74 10.97
O1 GOL E . -4.31 -12.98 10.26
C2 GOL E . -2.97 -11.36 11.48
O2 GOL E . -1.93 -12.02 10.81
C3 GOL E . -2.97 -11.76 12.99
O3 GOL E . -4.16 -11.32 13.56
C1 EDO F . -11.09 -0.86 16.69
O1 EDO F . -9.91 -1.40 17.24
C2 EDO F . -12.24 -1.93 16.55
O2 EDO F . -12.13 -3.07 17.46
C1 EDO G . 1.22 -25.72 4.49
O1 EDO G . 0.27 -24.82 3.88
C2 EDO G . 2.50 -25.72 3.66
O2 EDO G . 3.21 -26.95 3.81
C1 EDO H . -7.53 -12.29 -6.96
O1 EDO H . -6.87 -13.47 -6.53
C2 EDO H . -8.85 -12.02 -6.25
O2 EDO H . -8.95 -11.35 -4.91
C1 EDO I . -1.26 -26.54 2.05
O1 EDO I . -0.42 -27.51 2.70
C2 EDO I . -0.76 -26.19 0.66
O2 EDO I . -1.86 -25.83 -0.18
#